data_5E9O
#
_entry.id   5E9O
#
_cell.length_a   144.929
_cell.length_b   144.929
_cell.length_c   144.929
_cell.angle_alpha   90.000
_cell.angle_beta   90.000
_cell.angle_gamma   90.000
#
_symmetry.space_group_name_H-M   'I 2 3'
#
loop_
_entity.id
_entity.type
_entity.pdbx_description
1 polymer 'Cellulase, glycosyl hydrolase family 5, TPS linker, domain X'
2 non-polymer '5-amino-2,4,6-triiodobenzene-1,3-dicarboxylic acid'
3 water water
#
_entity_poly.entity_id   1
_entity_poly.type   'polypeptide(L)'
_entity_poly.pdbx_seq_one_letter_code
;SGEYTEIALPFSYDGAGEYYWKTDQFSTDPNDWSRYVNSWNLDLLEINATDYTNVWVAQHQIPAASDGYWYIHYKSGVSW
GHVEIK
;
_entity_poly.pdbx_strand_id   A,B,C,D
#
# COMPACT_ATOMS: atom_id res chain seq x y z
N GLY A 2 1.52 12.71 -10.93
CA GLY A 2 1.49 12.39 -9.47
C GLY A 2 0.91 11.01 -9.19
N GLU A 3 0.52 10.78 -7.93
CA GLU A 3 0.20 9.43 -7.43
C GLU A 3 -1.19 8.84 -7.65
N TYR A 4 -2.18 9.63 -8.05
CA TYR A 4 -3.46 9.06 -8.48
C TYR A 4 -3.15 8.41 -9.80
N THR A 5 -3.29 7.08 -9.91
CA THR A 5 -3.03 6.46 -11.24
C THR A 5 -4.32 6.06 -11.87
N GLU A 6 -4.33 6.10 -13.19
CA GLU A 6 -5.48 5.74 -14.00
C GLU A 6 -5.79 4.27 -13.87
N ILE A 7 -7.04 3.96 -13.59
CA ILE A 7 -7.54 2.60 -13.61
C ILE A 7 -8.50 2.43 -14.77
N ALA A 8 -8.68 1.20 -15.19
CA ALA A 8 -9.55 0.84 -16.29
C ALA A 8 -10.78 0.14 -15.71
N LEU A 9 -11.96 0.46 -16.20
CA LEU A 9 -13.22 -0.11 -15.67
C LEU A 9 -13.72 -1.14 -16.65
N PRO A 10 -14.36 -2.22 -16.19
CA PRO A 10 -14.59 -2.61 -14.82
C PRO A 10 -13.29 -2.92 -14.06
N PHE A 11 -13.25 -2.50 -12.81
CA PHE A 11 -12.11 -2.57 -11.93
C PHE A 11 -12.46 -3.27 -10.62
N SER A 12 -11.55 -4.09 -10.11
CA SER A 12 -11.62 -4.54 -8.73
C SER A 12 -10.24 -4.51 -8.14
N TYR A 13 -10.20 -4.49 -6.82
CA TYR A 13 -8.99 -4.72 -6.03
C TYR A 13 -9.39 -5.41 -4.76
N ASP A 14 -8.61 -6.43 -4.40
CA ASP A 14 -8.82 -7.19 -3.20
C ASP A 14 -7.51 -7.21 -2.46
N GLY A 15 -7.55 -6.71 -1.23
CA GLY A 15 -6.40 -6.76 -0.36
C GLY A 15 -6.22 -5.58 0.55
N ALA A 16 -5.12 -5.66 1.24
CA ALA A 16 -4.67 -4.56 2.11
C ALA A 16 -3.89 -3.50 1.31
N GLY A 17 -3.84 -2.31 1.83
CA GLY A 17 -3.02 -1.26 1.26
C GLY A 17 -3.81 0.03 1.18
N GLU A 18 -3.13 1.08 0.74
CA GLU A 18 -3.72 2.40 0.59
C GLU A 18 -3.36 2.90 -0.79
N TYR A 19 -4.36 3.24 -1.60
CA TYR A 19 -4.12 3.62 -2.99
C TYR A 19 -4.96 4.81 -3.41
N TYR A 20 -4.45 5.51 -4.43
CA TYR A 20 -5.09 6.62 -5.03
C TYR A 20 -5.26 6.28 -6.52
N TRP A 21 -6.53 6.16 -6.93
CA TRP A 21 -6.92 5.85 -8.29
C TRP A 21 -7.79 6.94 -8.88
N LYS A 22 -7.77 7.08 -10.20
CA LYS A 22 -8.66 8.00 -10.88
C LYS A 22 -9.17 7.43 -12.20
N THR A 23 -10.30 7.96 -12.64
CA THR A 23 -10.94 7.61 -13.93
C THR A 23 -11.95 8.69 -14.30
N ASP A 24 -12.15 8.89 -15.61
CA ASP A 24 -13.20 9.76 -16.10
C ASP A 24 -14.29 8.89 -16.75
N GLN A 25 -14.37 7.62 -16.35
CA GLN A 25 -15.26 6.68 -17.04
C GLN A 25 -16.47 6.18 -16.23
N PHE A 26 -16.81 6.81 -15.11
CA PHE A 26 -18.02 6.42 -14.36
C PHE A 26 -19.24 6.64 -15.26
N SER A 27 -20.32 5.91 -14.99
CA SER A 27 -21.59 6.19 -15.63
C SER A 27 -22.16 7.50 -15.07
N THR A 28 -22.69 8.32 -15.95
CA THR A 28 -23.41 9.51 -15.59
C THR A 28 -24.90 9.37 -16.00
N ASP A 29 -25.37 8.15 -16.27
CA ASP A 29 -26.72 7.98 -16.82
C ASP A 29 -27.63 7.74 -15.64
N PRO A 30 -28.58 8.66 -15.36
CA PRO A 30 -29.44 8.53 -14.17
C PRO A 30 -30.37 7.32 -14.25
N ASN A 31 -30.54 6.77 -15.45
CA ASN A 31 -31.35 5.58 -15.62
C ASN A 31 -30.55 4.31 -15.77
N ASP A 32 -29.26 4.38 -15.49
CA ASP A 32 -28.49 3.13 -15.34
C ASP A 32 -28.40 2.71 -13.85
N TRP A 33 -28.66 1.44 -13.60
CA TRP A 33 -28.49 0.84 -12.30
C TRP A 33 -27.47 -0.29 -12.28
N SER A 34 -26.87 -0.65 -13.45
CA SER A 34 -25.90 -1.74 -13.54
C SER A 34 -24.49 -1.37 -13.13
N ARG A 35 -24.12 -0.10 -13.24
CA ARG A 35 -22.75 0.35 -13.03
C ARG A 35 -22.64 0.90 -11.62
N TYR A 36 -22.11 0.09 -10.73
CA TYR A 36 -22.08 0.38 -9.28
C TYR A 36 -20.63 0.50 -8.79
N VAL A 37 -20.49 1.05 -7.59
CA VAL A 37 -19.28 0.96 -6.79
C VAL A 37 -19.71 0.13 -5.61
N ASN A 38 -18.94 -0.89 -5.27
CA ASN A 38 -19.23 -1.66 -4.08
C ASN A 38 -17.90 -1.94 -3.34
N SER A 39 -17.97 -2.08 -2.04
CA SER A 39 -16.80 -2.42 -1.22
C SER A 39 -17.24 -3.07 0.04
N TRP A 40 -16.38 -3.91 0.61
CA TRP A 40 -16.59 -4.46 1.90
C TRP A 40 -15.28 -4.62 2.67
N ASN A 41 -15.37 -4.63 4.00
CA ASN A 41 -14.21 -4.72 4.88
C ASN A 41 -13.13 -3.62 4.72
N LEU A 42 -13.50 -2.48 4.15
CA LEU A 42 -12.56 -1.37 4.02
C LEU A 42 -12.51 -0.43 5.23
N ASP A 43 -11.36 0.22 5.44
CA ASP A 43 -11.29 1.32 6.36
C ASP A 43 -11.76 2.57 5.67
N LEU A 44 -11.58 2.64 4.35
CA LEU A 44 -11.99 3.83 3.60
C LEU A 44 -12.17 3.59 2.11
N LEU A 45 -13.22 4.20 1.58
CA LEU A 45 -13.32 4.44 0.17
C LEU A 45 -13.93 5.80 -0.03
N GLU A 46 -13.09 6.77 -0.37
CA GLU A 46 -13.54 8.13 -0.61
C GLU A 46 -13.51 8.38 -2.10
N ILE A 47 -14.56 8.99 -2.61
CA ILE A 47 -14.62 9.32 -4.03
C ILE A 47 -15.00 10.78 -4.12
N ASN A 48 -14.11 11.60 -4.66
CA ASN A 48 -14.33 13.03 -4.76
C ASN A 48 -14.79 13.64 -3.46
N ALA A 49 -14.04 13.39 -2.40
CA ALA A 49 -14.34 13.89 -1.05
C ALA A 49 -15.74 13.60 -0.47
N THR A 50 -16.36 12.50 -0.84
CA THR A 50 -17.51 11.99 -0.11
C THR A 50 -17.16 10.54 0.29
N ASP A 51 -17.63 10.13 1.46
CA ASP A 51 -17.40 8.78 2.04
C ASP A 51 -18.33 7.74 1.41
N TYR A 52 -17.77 6.75 0.72
CA TYR A 52 -18.51 5.58 0.23
C TYR A 52 -17.94 4.30 0.77
N THR A 53 -17.41 4.34 1.98
CA THR A 53 -16.83 3.16 2.60
C THR A 53 -17.86 2.02 2.86
N ASN A 54 -17.62 0.84 2.28
CA ASN A 54 -18.45 -0.33 2.53
C ASN A 54 -19.93 -0.12 2.18
N VAL A 55 -20.20 0.60 1.09
CA VAL A 55 -21.57 0.78 0.61
C VAL A 55 -21.61 0.39 -0.85
N TRP A 56 -22.81 0.08 -1.32
CA TRP A 56 -23.08 -0.11 -2.71
C TRP A 56 -23.76 1.14 -3.18
N VAL A 57 -23.29 1.73 -4.26
CA VAL A 57 -23.88 2.96 -4.74
C VAL A 57 -23.84 2.96 -6.25
N ALA A 58 -24.89 3.44 -6.88
CA ALA A 58 -24.93 3.58 -8.32
C ALA A 58 -24.02 4.71 -8.75
N GLN A 59 -23.22 4.50 -9.79
CA GLN A 59 -22.24 5.49 -10.20
C GLN A 59 -22.84 6.81 -10.59
N HIS A 60 -24.03 6.81 -11.20
CA HIS A 60 -24.65 8.10 -11.56
C HIS A 60 -25.02 8.94 -10.34
N GLN A 61 -24.93 8.39 -9.14
CA GLN A 61 -25.17 9.16 -7.94
C GLN A 61 -23.94 9.94 -7.43
N ILE A 62 -22.78 9.69 -8.04
CA ILE A 62 -21.56 10.33 -7.63
C ILE A 62 -21.11 11.32 -8.70
N PRO A 63 -21.26 12.63 -8.43
CA PRO A 63 -20.88 13.50 -9.47
C PRO A 63 -19.37 13.58 -9.64
N ALA A 64 -18.98 13.89 -10.87
CA ALA A 64 -17.58 14.06 -11.22
C ALA A 64 -17.06 15.37 -10.67
N ALA A 65 -15.74 15.43 -10.44
CA ALA A 65 -15.10 16.66 -10.08
C ALA A 65 -15.23 17.63 -11.26
N SER A 66 -14.79 18.88 -11.11
CA SER A 66 -14.97 19.84 -12.20
C SER A 66 -14.06 19.54 -13.40
N ASP A 67 -12.98 18.77 -13.20
CA ASP A 67 -12.15 18.35 -14.34
C ASP A 67 -12.71 17.12 -15.10
N GLY A 68 -13.87 16.63 -14.68
CA GLY A 68 -14.52 15.48 -15.33
C GLY A 68 -14.11 14.14 -14.75
N TYR A 69 -13.26 14.14 -13.72
CA TYR A 69 -12.71 12.91 -13.17
C TYR A 69 -13.36 12.48 -11.84
N TRP A 70 -13.20 11.22 -11.49
CA TRP A 70 -13.49 10.69 -10.18
C TRP A 70 -12.21 10.24 -9.49
N TYR A 71 -11.97 10.76 -8.30
CA TYR A 71 -10.76 10.52 -7.56
C TYR A 71 -11.07 9.67 -6.38
N ILE A 72 -10.40 8.53 -6.27
CA ILE A 72 -10.78 7.49 -5.38
C ILE A 72 -9.62 7.15 -4.44
N HIS A 73 -9.91 7.10 -3.14
CA HIS A 73 -8.91 6.86 -2.14
C HIS A 73 -9.37 5.63 -1.36
N TYR A 74 -8.56 4.56 -1.41
CA TYR A 74 -8.91 3.26 -0.84
C TYR A 74 -7.93 3.00 0.26
N LYS A 75 -8.45 2.50 1.37
CA LYS A 75 -7.61 2.01 2.43
C LYS A 75 -8.20 0.79 3.08
N SER A 76 -7.38 -0.24 3.21
CA SER A 76 -7.71 -1.47 3.93
C SER A 76 -6.52 -1.98 4.76
N GLY A 77 -6.75 -2.37 6.02
CA GLY A 77 -5.66 -2.98 6.79
C GLY A 77 -5.66 -4.50 6.67
N VAL A 78 -6.62 -5.03 5.95
CA VAL A 78 -6.89 -6.43 5.99
C VAL A 78 -6.99 -7.02 4.59
N SER A 79 -6.64 -8.29 4.49
CA SER A 79 -6.60 -8.97 3.19
C SER A 79 -7.96 -9.15 2.59
N TRP A 80 -8.99 -9.16 3.43
CA TRP A 80 -10.32 -9.44 2.95
C TRP A 80 -11.06 -8.19 2.49
N GLY A 81 -10.35 -7.09 2.39
CA GLY A 81 -10.91 -5.87 1.87
C GLY A 81 -11.14 -6.01 0.39
N HIS A 82 -12.22 -5.42 -0.10
CA HIS A 82 -12.63 -5.56 -1.51
C HIS A 82 -13.26 -4.27 -1.99
N VAL A 83 -12.97 -3.93 -3.24
CA VAL A 83 -13.70 -2.92 -3.98
C VAL A 83 -13.97 -3.38 -5.40
N GLU A 84 -15.12 -3.01 -5.91
CA GLU A 84 -15.47 -3.22 -7.30
C GLU A 84 -16.10 -1.96 -7.86
N ILE A 85 -15.63 -1.52 -9.02
CA ILE A 85 -16.14 -0.39 -9.75
C ILE A 85 -16.44 -0.85 -11.17
N LYS A 86 -17.73 -1.04 -11.46
CA LYS A 86 -18.14 -1.59 -12.76
C LYS A 86 -17.91 -0.63 -13.92
N GLY B 2 21.92 -12.04 -20.83
CA GLY B 2 20.96 -10.92 -21.10
C GLY B 2 20.97 -9.84 -20.02
N GLU B 3 20.43 -8.66 -20.35
CA GLU B 3 20.40 -7.53 -19.40
C GLU B 3 19.20 -7.53 -18.47
N TYR B 4 18.18 -8.28 -18.85
CA TYR B 4 17.06 -8.51 -18.01
C TYR B 4 17.44 -9.38 -16.82
N THR B 5 17.30 -8.85 -15.61
CA THR B 5 17.62 -9.66 -14.43
C THR B 5 16.39 -10.01 -13.60
N GLU B 6 16.42 -11.18 -12.99
CA GLU B 6 15.33 -11.71 -12.16
C GLU B 6 15.10 -10.85 -10.93
N ILE B 7 13.83 -10.46 -10.73
CA ILE B 7 13.39 -9.76 -9.51
C ILE B 7 12.49 -10.70 -8.73
N ALA B 8 12.51 -10.56 -7.41
CA ALA B 8 11.59 -11.26 -6.50
C ALA B 8 10.33 -10.39 -6.25
N LEU B 9 9.17 -11.00 -6.23
CA LEU B 9 7.91 -10.26 -5.98
C LEU B 9 7.43 -10.46 -4.54
N PRO B 10 6.89 -9.42 -3.90
CA PRO B 10 6.64 -8.10 -4.40
C PRO B 10 7.93 -7.27 -4.59
N PHE B 11 7.87 -6.42 -5.60
CA PHE B 11 8.99 -5.57 -6.01
C PHE B 11 8.57 -4.10 -6.06
N SER B 12 9.47 -3.21 -5.70
CA SER B 12 9.33 -1.80 -6.02
C SER B 12 10.69 -1.25 -6.42
N TYR B 13 10.66 -0.13 -7.15
CA TYR B 13 11.82 0.70 -7.43
C TYR B 13 11.37 2.15 -7.41
N ASP B 14 12.24 2.99 -6.91
CA ASP B 14 12.07 4.44 -6.93
C ASP B 14 13.36 5.13 -7.39
N GLY B 15 13.25 6.00 -8.39
CA GLY B 15 14.37 6.77 -8.84
C GLY B 15 14.42 6.89 -10.34
N ALA B 16 15.45 7.60 -10.79
CA ALA B 16 15.68 7.84 -12.22
C ALA B 16 16.55 6.71 -12.77
N GLY B 17 16.47 6.48 -14.08
CA GLY B 17 17.28 5.41 -14.68
C GLY B 17 16.49 4.58 -15.67
N GLU B 18 17.19 3.62 -16.26
CA GLU B 18 16.65 2.75 -17.31
C GLU B 18 17.02 1.34 -16.94
N TYR B 19 16.00 0.48 -16.75
CA TYR B 19 16.25 -0.84 -16.20
C TYR B 19 15.46 -1.93 -16.88
N TYR B 20 15.93 -3.17 -16.70
CA TYR B 20 15.38 -4.33 -17.38
C TYR B 20 15.27 -5.41 -16.37
N TRP B 21 14.03 -5.83 -16.10
CA TRP B 21 13.74 -6.81 -15.08
C TRP B 21 12.87 -7.92 -15.65
N LYS B 22 12.94 -9.09 -15.05
CA LYS B 22 12.07 -10.16 -15.45
C LYS B 22 11.65 -11.02 -14.28
N THR B 23 10.56 -11.76 -14.50
CA THR B 23 10.06 -12.69 -13.52
C THR B 23 9.05 -13.59 -14.19
N ASP B 24 8.94 -14.83 -13.68
CA ASP B 24 7.92 -15.77 -14.10
C ASP B 24 6.83 -15.88 -12.99
N GLN B 25 6.72 -14.87 -12.11
CA GLN B 25 5.80 -14.96 -10.96
C GLN B 25 4.54 -14.07 -11.00
N PHE B 26 4.22 -13.50 -12.15
CA PHE B 26 2.94 -12.78 -12.28
C PHE B 26 1.79 -13.76 -12.12
N SER B 27 0.68 -13.22 -11.66
CA SER B 27 -0.62 -13.94 -11.68
C SER B 27 -1.13 -14.09 -13.10
N THR B 28 -1.63 -15.29 -13.44
CA THR B 28 -2.33 -15.52 -14.67
C THR B 28 -3.82 -15.85 -14.40
N ASP B 29 -4.29 -15.55 -13.19
CA ASP B 29 -5.62 -15.98 -12.75
C ASP B 29 -6.59 -14.87 -13.10
N PRO B 30 -7.56 -15.13 -13.98
CA PRO B 30 -8.43 -14.03 -14.37
C PRO B 30 -9.32 -13.52 -13.22
N ASN B 31 -9.41 -14.29 -12.14
CA ASN B 31 -10.27 -13.90 -11.03
C ASN B 31 -9.43 -13.47 -9.87
N ASP B 32 -8.15 -13.22 -10.09
CA ASP B 32 -7.35 -12.54 -9.06
C ASP B 32 -7.30 -11.04 -9.36
N TRP B 33 -7.55 -10.25 -8.35
CA TRP B 33 -7.47 -8.79 -8.43
C TRP B 33 -6.55 -8.21 -7.37
N SER B 34 -5.81 -9.05 -6.65
CA SER B 34 -4.82 -8.58 -5.68
C SER B 34 -3.50 -8.22 -6.30
N ARG B 35 -3.13 -8.85 -7.40
CA ARG B 35 -1.78 -8.71 -7.93
C ARG B 35 -1.78 -7.76 -9.13
N TYR B 36 -1.04 -6.66 -8.99
CA TYR B 36 -1.16 -5.62 -9.99
C TYR B 36 0.23 -5.07 -10.30
N VAL B 37 0.27 -4.15 -11.26
CA VAL B 37 1.46 -3.33 -11.56
C VAL B 37 0.97 -1.91 -11.49
N ASN B 38 1.76 -1.04 -10.86
CA ASN B 38 1.47 0.34 -10.85
C ASN B 38 2.76 1.11 -11.00
N SER B 39 2.68 2.27 -11.60
CA SER B 39 3.80 3.17 -11.72
C SER B 39 3.34 4.60 -11.76
N TRP B 40 4.23 5.52 -11.41
CA TRP B 40 3.95 6.91 -11.67
C TRP B 40 5.19 7.72 -12.00
N ASN B 41 4.99 8.83 -12.70
CA ASN B 41 6.07 9.79 -13.02
C ASN B 41 7.13 9.22 -13.94
N LEU B 42 6.84 8.10 -14.60
CA LEU B 42 7.75 7.45 -15.54
C LEU B 42 7.60 8.00 -16.95
N ASP B 43 8.70 7.90 -17.68
CA ASP B 43 8.69 8.06 -19.12
C ASP B 43 8.20 6.80 -19.78
N LEU B 44 8.52 5.61 -19.26
CA LEU B 44 8.07 4.38 -19.89
C LEU B 44 8.00 3.23 -18.93
N LEU B 45 6.92 2.46 -18.97
CA LEU B 45 6.95 1.13 -18.38
C LEU B 45 6.33 0.20 -19.39
N GLU B 46 7.19 -0.62 -19.99
CA GLU B 46 6.85 -1.51 -21.07
C GLU B 46 6.95 -2.93 -20.52
N ILE B 47 5.92 -3.74 -20.76
CA ILE B 47 5.98 -5.15 -20.39
C ILE B 47 5.63 -6.05 -21.54
N ASN B 48 6.53 -7.00 -21.82
CA ASN B 48 6.36 -7.88 -22.97
C ASN B 48 5.81 -7.10 -24.16
N ALA B 49 6.52 -6.04 -24.53
CA ALA B 49 6.26 -5.29 -25.75
C ALA B 49 4.90 -4.62 -25.83
N THR B 50 4.36 -4.28 -24.69
CA THR B 50 3.08 -3.58 -24.57
C THR B 50 3.30 -2.45 -23.57
N ASP B 51 2.64 -1.32 -23.79
CA ASP B 51 2.84 -0.10 -22.98
C ASP B 51 1.87 -0.06 -21.79
N TYR B 52 2.42 0.02 -20.57
CA TYR B 52 1.66 0.11 -19.32
C TYR B 52 2.22 1.27 -18.50
N THR B 53 2.58 2.37 -19.16
CA THR B 53 3.25 3.49 -18.48
C THR B 53 2.32 4.31 -17.57
N ASN B 54 2.64 4.40 -16.28
CA ASN B 54 1.88 5.23 -15.34
C ASN B 54 0.39 4.86 -15.22
N VAL B 55 0.06 3.57 -15.30
CA VAL B 55 -1.30 3.11 -15.14
C VAL B 55 -1.30 1.98 -14.16
N TRP B 56 -2.47 1.71 -13.59
CA TRP B 56 -2.65 0.55 -12.74
C TRP B 56 -3.17 -0.60 -13.60
N VAL B 57 -2.59 -1.78 -13.49
CA VAL B 57 -3.10 -2.88 -14.27
C VAL B 57 -3.03 -4.14 -13.51
N ALA B 58 -4.09 -4.93 -13.59
CA ALA B 58 -4.07 -6.23 -12.97
C ALA B 58 -3.18 -7.16 -13.76
N GLN B 59 -2.37 -7.98 -13.08
CA GLN B 59 -1.38 -8.84 -13.72
C GLN B 59 -1.99 -9.88 -14.62
N HIS B 60 -3.19 -10.35 -14.32
CA HIS B 60 -3.77 -11.32 -15.18
C HIS B 60 -4.20 -10.69 -16.49
N GLN B 61 -4.20 -9.36 -16.58
CA GLN B 61 -4.48 -8.70 -17.88
C GLN B 61 -3.25 -8.62 -18.81
N ILE B 62 -2.10 -9.05 -18.32
CA ILE B 62 -0.84 -8.87 -19.05
C ILE B 62 -0.38 -10.24 -19.49
N PRO B 63 -0.52 -10.55 -20.77
CA PRO B 63 -0.09 -11.85 -21.30
C PRO B 63 1.41 -12.14 -21.11
N ALA B 64 1.72 -13.35 -20.66
CA ALA B 64 3.08 -13.79 -20.51
C ALA B 64 3.74 -13.87 -21.86
N ALA B 65 5.06 -13.78 -21.80
CA ALA B 65 5.91 -14.12 -22.92
C ALA B 65 5.88 -15.65 -23.12
N SER B 66 6.31 -16.09 -24.30
CA SER B 66 6.24 -17.48 -24.66
C SER B 66 6.91 -18.44 -23.69
N ASP B 67 7.99 -17.98 -23.06
CA ASP B 67 8.69 -18.76 -22.04
C ASP B 67 8.06 -18.65 -20.63
N GLY B 68 6.89 -18.03 -20.51
CA GLY B 68 6.25 -17.86 -19.19
C GLY B 68 6.79 -16.73 -18.33
N TYR B 69 7.58 -15.84 -18.89
CA TYR B 69 8.17 -14.75 -18.13
C TYR B 69 7.52 -13.41 -18.48
N TRP B 70 7.76 -12.42 -17.64
CA TRP B 70 7.37 -11.05 -17.96
C TRP B 70 8.62 -10.20 -17.98
N TYR B 71 8.80 -9.44 -19.06
CA TYR B 71 10.01 -8.68 -19.34
C TYR B 71 9.63 -7.21 -19.24
N ILE B 72 10.20 -6.53 -18.23
CA ILE B 72 9.76 -5.21 -17.83
C ILE B 72 10.88 -4.20 -18.10
N HIS B 73 10.58 -3.20 -18.94
CA HIS B 73 11.49 -2.13 -19.23
C HIS B 73 10.97 -0.78 -18.65
N TYR B 74 11.70 -0.28 -17.68
CA TYR B 74 11.43 0.98 -16.95
C TYR B 74 12.30 2.10 -17.44
N LYS B 75 11.73 3.28 -17.67
CA LYS B 75 12.53 4.48 -17.89
C LYS B 75 11.95 5.66 -17.12
N SER B 76 12.80 6.30 -16.31
CA SER B 76 12.44 7.52 -15.59
C SER B 76 13.55 8.54 -15.75
N GLY B 77 13.19 9.73 -16.20
CA GLY B 77 14.17 10.82 -16.31
C GLY B 77 14.27 11.57 -14.98
N VAL B 78 13.46 11.18 -14.00
CA VAL B 78 13.32 11.95 -12.78
C VAL B 78 13.44 11.07 -11.57
N SER B 79 13.96 11.66 -10.52
CA SER B 79 14.17 10.98 -9.28
C SER B 79 12.87 10.48 -8.63
N TRP B 80 11.74 11.07 -8.98
CA TRP B 80 10.45 10.72 -8.37
C TRP B 80 9.71 9.62 -9.09
N GLY B 81 10.35 8.91 -10.01
CA GLY B 81 9.72 7.82 -10.73
C GLY B 81 9.53 6.67 -9.78
N HIS B 82 8.48 5.89 -10.00
CA HIS B 82 8.14 4.81 -9.10
C HIS B 82 7.46 3.71 -9.85
N VAL B 83 7.73 2.48 -9.42
CA VAL B 83 7.00 1.31 -9.92
C VAL B 83 6.83 0.34 -8.75
N GLU B 84 5.79 -0.47 -8.83
CA GLU B 84 5.46 -1.44 -7.83
C GLU B 84 4.79 -2.59 -8.53
N ILE B 85 5.19 -3.82 -8.16
CA ILE B 85 4.71 -5.03 -8.79
C ILE B 85 4.43 -6.01 -7.68
N LYS B 86 3.17 -6.36 -7.48
CA LYS B 86 2.78 -7.20 -6.37
C LYS B 86 2.81 -8.69 -6.74
N GLY C 2 3.30 25.29 17.82
CA GLY C 2 3.72 25.25 19.27
C GLY C 2 4.54 24.02 19.72
N GLU C 3 3.93 23.17 20.52
CA GLU C 3 4.46 21.86 20.82
C GLU C 3 4.28 20.98 19.58
N TYR C 4 5.35 20.29 19.20
CA TYR C 4 5.31 19.32 18.12
C TYR C 4 4.95 17.95 18.71
N THR C 5 4.23 17.13 17.95
CA THR C 5 3.99 15.76 18.37
C THR C 5 4.91 14.81 17.61
N GLU C 6 5.56 13.90 18.32
CA GLU C 6 6.51 12.97 17.73
C GLU C 6 5.68 11.89 17.07
N ILE C 7 5.91 11.75 15.78
CA ILE C 7 5.22 10.81 14.91
C ILE C 7 6.17 9.72 14.48
N ALA C 8 5.59 8.61 14.05
CA ALA C 8 6.32 7.47 13.53
C ALA C 8 6.20 7.48 12.01
N LEU C 9 7.21 6.99 11.33
CA LEU C 9 7.19 6.94 9.87
C LEU C 9 7.14 5.48 9.38
N PRO C 10 6.44 5.21 8.27
CA PRO C 10 5.81 6.17 7.35
C PRO C 10 4.62 6.78 7.99
N PHE C 11 4.26 7.95 7.53
CA PHE C 11 3.13 8.64 8.08
C PHE C 11 2.39 9.31 6.95
N SER C 12 1.07 9.32 7.03
CA SER C 12 0.26 10.17 6.16
C SER C 12 -0.94 10.70 6.87
N TYR C 13 -1.44 11.80 6.32
CA TYR C 13 -2.67 12.42 6.76
C TYR C 13 -3.39 13.03 5.55
N ASP C 14 -4.72 12.93 5.58
CA ASP C 14 -5.61 13.59 4.63
C ASP C 14 -6.66 14.31 5.42
N GLY C 15 -6.87 15.57 5.08
CA GLY C 15 -7.97 16.35 5.66
C GLY C 15 -7.52 17.77 5.93
N ALA C 16 -8.42 18.52 6.53
CA ALA C 16 -8.17 19.87 6.97
C ALA C 16 -7.46 19.83 8.34
N GLY C 17 -6.93 20.98 8.76
CA GLY C 17 -6.32 21.10 10.08
C GLY C 17 -4.95 21.76 10.01
N GLU C 18 -4.38 22.05 11.17
CA GLU C 18 -3.07 22.61 11.27
C GLU C 18 -2.36 21.80 12.35
N TYR C 19 -1.24 21.20 12.03
CA TYR C 19 -0.54 20.35 12.99
C TYR C 19 0.97 20.64 12.97
N TYR C 20 1.61 20.18 14.05
CA TYR C 20 3.03 20.32 14.26
C TYR C 20 3.50 18.93 14.66
N TRP C 21 4.27 18.33 13.76
CA TRP C 21 4.83 17.01 13.95
C TRP C 21 6.35 17.03 13.95
N LYS C 22 6.97 16.08 14.61
CA LYS C 22 8.43 15.93 14.61
C LYS C 22 8.84 14.46 14.53
N THR C 23 9.99 14.21 13.88
CA THR C 23 10.57 12.91 13.90
C THR C 23 12.08 13.02 13.74
N ASP C 24 12.81 12.05 14.27
CA ASP C 24 14.25 11.97 14.00
C ASP C 24 14.54 10.82 13.07
N GLN C 25 13.54 10.38 12.28
CA GLN C 25 13.69 9.15 11.46
C GLN C 25 13.66 9.39 9.95
N PHE C 26 13.82 10.65 9.51
CA PHE C 26 14.02 10.90 8.08
C PHE C 26 15.19 10.10 7.59
N SER C 27 15.10 9.66 6.35
CA SER C 27 16.26 9.12 5.66
C SER C 27 17.31 10.20 5.44
N THR C 28 18.56 9.85 5.67
CA THR C 28 19.70 10.70 5.36
C THR C 28 20.53 10.05 4.27
N ASP C 29 20.01 9.05 3.60
CA ASP C 29 20.77 8.37 2.53
C ASP C 29 20.67 9.13 1.18
N PRO C 30 21.79 9.70 0.70
CA PRO C 30 21.75 10.49 -0.53
C PRO C 30 21.34 9.71 -1.77
N ASN C 31 21.44 8.38 -1.71
CA ASN C 31 21.05 7.57 -2.85
C ASN C 31 19.73 6.84 -2.64
N ASP C 32 18.97 7.24 -1.63
CA ASP C 32 17.61 6.77 -1.50
C ASP C 32 16.63 7.76 -2.08
N TRP C 33 15.67 7.27 -2.85
CA TRP C 33 14.59 8.08 -3.37
C TRP C 33 13.20 7.61 -2.96
N SER C 34 13.12 6.49 -2.23
CA SER C 34 11.83 5.98 -1.77
C SER C 34 11.31 6.78 -0.60
N ARG C 35 12.21 7.36 0.17
CA ARG C 35 11.87 7.98 1.40
C ARG C 35 11.71 9.48 1.13
N TYR C 36 10.53 9.83 0.62
CA TYR C 36 10.21 11.17 0.17
C TYR C 36 9.14 11.81 1.04
N VAL C 37 8.96 13.11 0.86
CA VAL C 37 7.83 13.82 1.37
C VAL C 37 7.10 14.31 0.16
N ASN C 38 5.79 14.17 0.17
CA ASN C 38 4.95 14.71 -0.89
C ASN C 38 3.61 15.19 -0.32
N SER C 39 3.02 16.14 -1.01
CA SER C 39 1.77 16.71 -0.59
C SER C 39 1.00 17.31 -1.75
N TRP C 40 -0.30 17.45 -1.56
CA TRP C 40 -1.13 18.13 -2.51
C TRP C 40 -2.28 18.79 -1.80
N ASN C 41 -2.71 19.85 -2.45
CA ASN C 41 -3.81 20.74 -2.01
C ASN C 41 -3.65 21.37 -0.60
N LEU C 42 -2.42 21.55 -0.13
CA LEU C 42 -2.17 22.20 1.18
C LEU C 42 -2.00 23.70 1.10
N ASP C 43 -2.36 24.41 2.18
CA ASP C 43 -1.96 25.79 2.38
C ASP C 43 -0.47 25.85 2.75
N LEU C 44 0.02 24.92 3.56
CA LEU C 44 1.42 24.96 4.03
C LEU C 44 1.95 23.62 4.39
N LEU C 45 3.16 23.33 3.90
CA LEU C 45 4.01 22.32 4.51
C LEU C 45 5.44 22.87 4.63
N GLU C 46 5.82 23.24 5.85
CA GLU C 46 7.09 23.78 6.17
C GLU C 46 7.86 22.68 6.89
N ILE C 47 9.09 22.44 6.45
CA ILE C 47 9.98 21.50 7.14
C ILE C 47 11.30 22.19 7.51
N ASN C 48 11.55 22.24 8.81
CA ASN C 48 12.72 22.93 9.34
C ASN C 48 12.98 24.29 8.69
N ALA C 49 11.95 25.14 8.68
CA ALA C 49 12.06 26.52 8.18
C ALA C 49 12.32 26.67 6.67
N THR C 50 11.91 25.67 5.91
CA THR C 50 11.95 25.74 4.46
C THR C 50 10.60 25.22 3.97
N ASP C 51 10.12 25.87 2.93
CA ASP C 51 8.80 25.67 2.36
C ASP C 51 8.78 24.54 1.34
N TYR C 52 8.01 23.49 1.64
CA TYR C 52 7.86 22.32 0.78
C TYR C 52 6.37 22.08 0.50
N THR C 53 5.59 23.16 0.42
CA THR C 53 4.15 23.08 0.19
C THR C 53 3.84 22.51 -1.23
N ASN C 54 3.22 21.33 -1.26
CA ASN C 54 2.73 20.73 -2.52
C ASN C 54 3.81 20.37 -3.53
N VAL C 55 4.98 19.99 -3.02
CA VAL C 55 6.09 19.56 -3.87
C VAL C 55 6.69 18.27 -3.34
N TRP C 56 7.26 17.51 -4.24
CA TRP C 56 7.93 16.24 -3.93
C TRP C 56 9.35 16.56 -3.57
N VAL C 57 9.82 16.01 -2.46
CA VAL C 57 11.19 16.19 -2.07
C VAL C 57 11.69 14.95 -1.35
N ALA C 58 12.91 14.52 -1.63
CA ALA C 58 13.47 13.36 -0.94
C ALA C 58 13.93 13.75 0.45
N GLN C 59 13.69 12.90 1.41
CA GLN C 59 14.06 13.23 2.77
C GLN C 59 15.54 13.57 2.90
N HIS C 60 16.39 12.86 2.16
CA HIS C 60 17.80 13.14 2.23
C HIS C 60 18.22 14.56 1.76
N GLN C 61 17.33 15.28 1.07
CA GLN C 61 17.56 16.66 0.63
C GLN C 61 17.26 17.70 1.72
N ILE C 62 16.70 17.28 2.85
CA ILE C 62 16.37 18.22 3.95
C ILE C 62 17.22 17.91 5.15
N PRO C 63 18.12 18.81 5.56
CA PRO C 63 18.94 18.45 6.72
C PRO C 63 18.17 18.58 8.02
N ALA C 64 18.60 17.79 9.01
CA ALA C 64 18.00 17.80 10.33
C ALA C 64 18.33 19.14 11.03
N ALA C 65 17.56 19.50 12.05
CA ALA C 65 17.91 20.62 12.91
C ALA C 65 19.09 20.16 13.78
N SER C 66 19.62 21.04 14.64
CA SER C 66 20.83 20.66 15.36
C SER C 66 20.56 19.61 16.45
N ASP C 67 19.31 19.45 16.88
CA ASP C 67 19.01 18.35 17.78
C ASP C 67 18.80 16.98 17.09
N GLY C 68 18.98 16.90 15.77
CA GLY C 68 18.78 15.63 15.05
C GLY C 68 17.33 15.37 14.62
N TYR C 69 16.44 16.35 14.79
CA TYR C 69 15.02 16.20 14.44
C TYR C 69 14.58 16.99 13.20
N TRP C 70 13.44 16.61 12.63
CA TRP C 70 12.79 17.33 11.54
C TRP C 70 11.41 17.79 12.04
N TYR C 71 11.12 19.06 11.82
CA TYR C 71 9.99 19.75 12.43
C TYR C 71 9.06 20.17 11.29
N ILE C 72 7.87 19.62 11.30
CA ILE C 72 6.96 19.74 10.18
C ILE C 72 5.69 20.43 10.61
N HIS C 73 5.31 21.48 9.85
CA HIS C 73 4.15 22.31 10.13
C HIS C 73 3.22 22.17 8.92
N TYR C 74 2.05 21.56 9.18
CA TYR C 74 1.03 21.25 8.21
C TYR C 74 -0.16 22.19 8.40
N LYS C 75 -0.56 22.86 7.30
CA LYS C 75 -1.85 23.55 7.24
C LYS C 75 -2.62 23.17 5.97
N SER C 76 -3.85 22.71 6.16
CA SER C 76 -4.83 22.51 5.09
C SER C 76 -6.19 23.12 5.47
N GLY C 77 -6.77 23.87 4.53
CA GLY C 77 -8.13 24.36 4.67
C GLY C 77 -9.21 23.45 4.10
N VAL C 78 -8.85 22.31 3.50
CA VAL C 78 -9.83 21.47 2.78
C VAL C 78 -9.67 19.98 3.07
N SER C 79 -10.80 19.26 2.98
CA SER C 79 -10.83 17.81 3.22
C SER C 79 -9.89 17.05 2.35
N TRP C 80 -9.61 17.54 1.14
CA TRP C 80 -8.79 16.81 0.19
C TRP C 80 -7.28 17.16 0.29
N GLY C 81 -6.89 17.96 1.29
CA GLY C 81 -5.46 18.15 1.61
C GLY C 81 -4.79 16.84 1.97
N HIS C 82 -3.52 16.69 1.61
CA HIS C 82 -2.83 15.42 1.77
C HIS C 82 -1.33 15.61 1.95
N VAL C 83 -0.76 14.88 2.90
CA VAL C 83 0.69 14.73 3.00
C VAL C 83 1.04 13.27 3.17
N GLU C 84 2.25 12.95 2.73
CA GLU C 84 2.85 11.66 2.86
C GLU C 84 4.29 11.83 3.29
N ILE C 85 4.72 11.11 4.32
CA ILE C 85 6.14 11.13 4.71
C ILE C 85 6.56 9.69 4.80
N LYS C 86 7.25 9.22 3.77
CA LYS C 86 7.49 7.80 3.67
C LYS C 86 8.54 7.28 4.66
N GLY D 2 17.91 -21.27 17.37
CA GLY D 2 18.57 -20.36 16.40
C GLY D 2 17.81 -19.05 16.15
N GLU D 3 17.05 -19.01 15.06
CA GLU D 3 16.42 -17.74 14.67
C GLU D 3 15.10 -17.53 15.40
N TYR D 4 14.48 -18.60 15.91
CA TYR D 4 13.13 -18.48 16.50
C TYR D 4 13.15 -18.21 18.01
N THR D 5 12.53 -17.09 18.40
CA THR D 5 12.31 -16.75 19.80
C THR D 5 10.99 -17.30 20.29
N GLU D 6 11.04 -18.00 21.43
CA GLU D 6 9.86 -18.64 21.96
C GLU D 6 9.04 -17.59 22.67
N ILE D 7 7.73 -17.65 22.47
CA ILE D 7 6.81 -16.63 22.99
C ILE D 7 5.76 -17.34 23.76
N ALA D 8 5.16 -16.64 24.70
CA ALA D 8 4.06 -17.21 25.49
C ALA D 8 2.72 -16.65 25.03
N LEU D 9 1.67 -17.46 25.20
CA LEU D 9 0.35 -17.08 24.76
C LEU D 9 -0.50 -16.80 25.99
N PRO D 10 -1.42 -15.84 25.91
CA PRO D 10 -1.68 -14.96 24.76
C PRO D 10 -0.58 -13.96 24.52
N PHE D 11 -0.40 -13.57 23.24
CA PHE D 11 0.72 -12.81 22.76
C PHE D 11 0.22 -11.73 21.85
N SER D 12 0.91 -10.61 21.85
CA SER D 12 0.54 -9.52 21.03
C SER D 12 1.77 -8.71 20.70
N TYR D 13 1.82 -8.16 19.49
CA TYR D 13 2.91 -7.28 19.01
C TYR D 13 2.37 -6.23 18.03
N ASP D 14 2.87 -5.00 18.20
CA ASP D 14 2.65 -3.88 17.25
C ASP D 14 3.98 -3.28 16.95
N GLY D 15 4.15 -2.84 15.70
CA GLY D 15 5.37 -2.18 15.29
C GLY D 15 5.95 -2.64 13.97
N ALA D 16 6.93 -1.86 13.51
CA ALA D 16 7.69 -2.23 12.32
C ALA D 16 8.74 -3.30 12.68
N GLY D 17 9.22 -4.00 11.65
CA GLY D 17 10.27 -4.97 11.80
C GLY D 17 9.90 -6.39 11.33
N GLU D 18 10.95 -7.24 11.35
CA GLU D 18 10.90 -8.65 11.00
C GLU D 18 11.28 -9.48 12.25
N TYR D 19 10.42 -10.44 12.62
CA TYR D 19 10.61 -11.24 13.82
C TYR D 19 10.28 -12.71 13.51
N TYR D 20 10.84 -13.61 14.31
CA TYR D 20 10.68 -15.03 14.11
C TYR D 20 10.38 -15.57 15.50
N TRP D 21 9.15 -16.12 15.63
CA TRP D 21 8.63 -16.56 16.91
C TRP D 21 8.15 -18.00 16.78
N LYS D 22 8.21 -18.72 17.89
CA LYS D 22 7.62 -20.04 17.96
C LYS D 22 6.91 -20.34 19.29
N THR D 23 5.95 -21.26 19.24
CA THR D 23 5.19 -21.73 20.41
C THR D 23 4.63 -23.11 20.10
N ASP D 24 4.43 -23.91 21.15
CA ASP D 24 3.75 -25.17 21.00
C ASP D 24 2.41 -25.17 21.75
N GLN D 25 1.81 -23.99 21.93
CA GLN D 25 0.59 -23.86 22.78
C GLN D 25 -0.69 -23.47 21.99
N PHE D 26 -0.65 -23.54 20.66
CA PHE D 26 -1.83 -23.28 19.85
C PHE D 26 -2.90 -24.27 20.29
N SER D 27 -4.14 -23.86 20.12
CA SER D 27 -5.28 -24.74 20.22
C SER D 27 -5.27 -25.70 19.04
N THR D 28 -5.64 -26.94 19.32
CA THR D 28 -5.87 -27.94 18.27
C THR D 28 -7.37 -28.39 18.29
N ASP D 29 -8.23 -27.68 19.00
CA ASP D 29 -9.64 -28.01 19.11
C ASP D 29 -10.42 -27.46 17.88
N PRO D 30 -10.93 -28.36 16.98
CA PRO D 30 -11.62 -27.88 15.75
C PRO D 30 -12.86 -27.06 16.06
N ASN D 31 -13.42 -27.20 17.25
CA ASN D 31 -14.61 -26.44 17.66
C ASN D 31 -14.37 -25.20 18.55
N ASP D 32 -13.12 -24.79 18.67
CA ASP D 32 -12.79 -23.54 19.38
C ASP D 32 -12.58 -22.45 18.39
N TRP D 33 -13.11 -21.24 18.66
CA TRP D 33 -12.88 -20.10 17.84
C TRP D 33 -12.27 -18.91 18.59
N SER D 34 -12.07 -19.08 19.91
CA SER D 34 -11.48 -18.06 20.79
C SER D 34 -9.98 -17.98 20.60
N ARG D 35 -9.34 -19.09 20.27
CA ARG D 35 -7.91 -19.11 20.13
C ARG D 35 -7.49 -18.89 18.68
N TYR D 36 -7.29 -17.65 18.36
CA TYR D 36 -7.07 -17.26 16.98
C TYR D 36 -5.71 -16.63 16.78
N VAL D 37 -5.37 -16.42 15.51
CA VAL D 37 -4.29 -15.52 15.11
C VAL D 37 -4.96 -14.44 14.31
N ASN D 38 -4.59 -13.19 14.54
CA ASN D 38 -5.13 -12.08 13.78
C ASN D 38 -4.06 -11.04 13.56
N SER D 39 -4.20 -10.32 12.43
CA SER D 39 -3.21 -9.33 12.01
C SER D 39 -3.79 -8.31 11.08
N TRP D 40 -3.14 -7.17 11.06
CA TRP D 40 -3.52 -6.13 10.14
C TRP D 40 -2.33 -5.26 9.87
N ASN D 41 -2.33 -4.68 8.67
CA ASN D 41 -1.31 -3.76 8.21
C ASN D 41 0.09 -4.35 8.18
N LEU D 42 0.14 -5.69 8.03
CA LEU D 42 1.40 -6.43 7.83
C LEU D 42 1.77 -6.66 6.37
N ASP D 43 3.06 -6.80 6.12
CA ASP D 43 3.55 -7.22 4.81
C ASP D 43 3.66 -8.76 4.75
N LEU D 44 3.90 -9.41 5.90
CA LEU D 44 3.95 -10.87 5.93
C LEU D 44 3.58 -11.40 7.31
N LEU D 45 2.69 -12.39 7.34
CA LEU D 45 2.59 -13.29 8.51
C LEU D 45 2.50 -14.76 8.00
N GLU D 46 3.66 -15.44 8.03
CA GLU D 46 3.81 -16.83 7.63
C GLU D 46 3.86 -17.72 8.87
N ILE D 47 3.06 -18.78 8.88
CA ILE D 47 3.03 -19.75 9.96
C ILE D 47 3.15 -21.16 9.38
N ASN D 48 4.20 -21.86 9.79
CA ASN D 48 4.67 -23.09 9.15
C ASN D 48 4.56 -23.14 7.60
N ALA D 49 5.23 -22.20 6.96
CA ALA D 49 5.33 -22.12 5.50
C ALA D 49 4.00 -21.92 4.76
N THR D 50 3.00 -21.38 5.46
CA THR D 50 1.77 -20.94 4.83
C THR D 50 1.54 -19.43 5.12
N ASP D 51 0.93 -18.72 4.16
CA ASP D 51 0.82 -17.26 4.23
C ASP D 51 -0.51 -16.83 4.82
N TYR D 52 -0.46 -16.44 6.10
CA TYR D 52 -1.62 -15.92 6.82
C TYR D 52 -1.61 -14.37 7.06
N THR D 53 -1.02 -13.59 6.14
CA THR D 53 -0.88 -12.14 6.33
C THR D 53 -2.27 -11.46 6.36
N ASN D 54 -2.57 -10.72 7.45
CA ASN D 54 -3.72 -9.82 7.52
C ASN D 54 -5.06 -10.55 7.42
N VAL D 55 -5.12 -11.72 8.06
CA VAL D 55 -6.35 -12.45 8.18
C VAL D 55 -6.57 -12.96 9.59
N TRP D 56 -7.85 -13.12 9.88
CA TRP D 56 -8.29 -13.81 11.05
C TRP D 56 -8.31 -15.33 10.72
N VAL D 57 -7.58 -16.12 11.51
CA VAL D 57 -7.61 -17.62 11.42
C VAL D 57 -7.56 -18.31 12.79
N ALA D 58 -8.48 -19.26 13.00
CA ALA D 58 -8.50 -20.06 14.19
C ALA D 58 -7.24 -20.90 14.27
N GLN D 59 -6.63 -20.96 15.44
CA GLN D 59 -5.43 -21.79 15.60
C GLN D 59 -5.54 -23.25 15.15
N HIS D 60 -6.73 -23.81 15.31
CA HIS D 60 -6.96 -25.20 14.95
C HIS D 60 -6.85 -25.42 13.47
N GLN D 61 -6.81 -24.34 12.68
CA GLN D 61 -6.70 -24.50 11.23
C GLN D 61 -5.28 -24.66 10.80
N ILE D 62 -4.36 -24.42 11.72
CA ILE D 62 -2.97 -24.37 11.41
C ILE D 62 -2.31 -25.58 12.07
N PRO D 63 -1.89 -26.54 11.26
CA PRO D 63 -1.33 -27.74 11.84
C PRO D 63 0.08 -27.49 12.36
N ALA D 64 0.43 -28.17 13.45
CA ALA D 64 1.72 -28.05 14.08
C ALA D 64 2.80 -28.66 13.21
N ALA D 65 4.05 -28.29 13.50
CA ALA D 65 5.22 -28.94 12.93
C ALA D 65 5.36 -30.36 13.51
N SER D 66 6.27 -31.16 12.99
CA SER D 66 6.53 -32.52 13.53
C SER D 66 6.88 -32.55 15.02
N ASP D 67 7.50 -31.46 15.48
CA ASP D 67 7.98 -31.32 16.85
C ASP D 67 6.85 -30.79 17.78
N GLY D 68 5.69 -30.49 17.24
CA GLY D 68 4.60 -29.92 18.03
C GLY D 68 4.58 -28.42 18.14
N TYR D 69 5.38 -27.73 17.32
CA TYR D 69 5.51 -26.26 17.37
C TYR D 69 4.95 -25.51 16.18
N TRP D 70 4.76 -24.22 16.39
CA TRP D 70 4.25 -23.34 15.35
C TRP D 70 5.30 -22.27 15.15
N TYR D 71 5.77 -22.10 13.92
CA TYR D 71 6.84 -21.20 13.64
C TYR D 71 6.32 -20.03 12.80
N ILE D 72 6.52 -18.84 13.33
CA ILE D 72 5.84 -17.67 12.85
C ILE D 72 6.86 -16.66 12.38
N HIS D 73 6.64 -16.19 11.14
CA HIS D 73 7.46 -15.16 10.52
C HIS D 73 6.59 -13.93 10.19
N TYR D 74 7.00 -12.79 10.78
CA TYR D 74 6.28 -11.51 10.77
C TYR D 74 7.15 -10.50 10.12
N LYS D 75 6.62 -9.77 9.13
CA LYS D 75 7.25 -8.57 8.57
C LYS D 75 6.25 -7.41 8.56
N SER D 76 6.69 -6.23 9.03
CA SER D 76 5.89 -5.00 8.95
C SER D 76 6.77 -3.83 8.63
N GLY D 77 6.39 -3.10 7.58
CA GLY D 77 7.08 -1.91 7.16
C GLY D 77 6.66 -0.65 7.91
N VAL D 78 5.58 -0.76 8.68
CA VAL D 78 4.94 0.38 9.32
C VAL D 78 4.78 0.14 10.84
N SER D 79 4.81 1.24 11.59
CA SER D 79 4.71 1.28 13.07
C SER D 79 3.47 0.67 13.67
N TRP D 80 2.39 0.67 12.88
CA TRP D 80 1.08 0.22 13.31
C TRP D 80 0.69 -1.18 12.77
N GLY D 81 1.68 -1.93 12.27
CA GLY D 81 1.46 -3.34 12.00
C GLY D 81 1.12 -4.05 13.30
N HIS D 82 0.22 -5.03 13.21
CA HIS D 82 -0.32 -5.72 14.39
C HIS D 82 -0.48 -7.22 14.19
N VAL D 83 -0.01 -7.99 15.18
CA VAL D 83 -0.43 -9.38 15.33
C VAL D 83 -0.90 -9.71 16.77
N GLU D 84 -1.87 -10.61 16.91
CA GLU D 84 -2.12 -11.22 18.22
C GLU D 84 -2.38 -12.72 18.02
N ILE D 85 -1.98 -13.49 19.02
CA ILE D 85 -2.13 -14.94 19.01
C ILE D 85 -2.63 -15.29 20.39
N LYS D 86 -3.89 -15.67 20.50
CA LYS D 86 -4.56 -15.77 21.78
C LYS D 86 -4.22 -17.05 22.51
#